data_6ULO
#
_entry.id   6ULO
#
_cell.length_a   52.440
_cell.length_b   56.650
_cell.length_c   60.990
_cell.angle_alpha   98.637
_cell.angle_beta   106.327
_cell.angle_gamma   83.326
#
_symmetry.space_group_name_H-M   'P 1'
#
loop_
_entity.id
_entity.type
_entity.pdbx_description
1 polymer 'Uncharacterized protein'
2 non-polymer 'CHLORIDE ION'
3 water water
#
_entity_poly.entity_id   1
_entity_poly.type   'polypeptide(L)'
_entity_poly.pdbx_seq_one_letter_code
;MAHHHHHHKIEENQNVSLNEGDIVSKLKETPQETLVPTKWDVGDTTVSNEDRLDLLIPHVQNLGNVYVGVGSEQNLTIAA
WAKSDFIYLMDFTQIVVHANTITILFLQKSEKKEDFIRLWGKEGEKEALELIQVSFSDPEVYKKVYKQASPFIRKRHKTN
LMLSKKYNYKMFQTDDEQYSYIRKLAIEGKILPIRGNLLGNITLTGIGNTLKKIGRKVGIIYFSNAEEYFAYPQEFKNSI
LNLPVSESSLVVRTISVRKDLFPWSPGSEISTDRGFHYCVQKISNFQKWLSSGKPGLRSLQVMVEGGTVDKKNGITVVDK
EPVVTEDKLPKTGG
;
_entity_poly.pdbx_strand_id   A,B
#
# COMPACT_ATOMS: atom_id res chain seq x y z
N LYS A 9 -36.12 -33.69 -24.97
CA LYS A 9 -37.53 -33.29 -25.12
C LYS A 9 -37.64 -31.78 -25.32
N ILE A 10 -38.12 -31.38 -26.50
CA ILE A 10 -38.15 -29.97 -26.88
C ILE A 10 -39.17 -29.17 -26.05
N GLU A 11 -40.20 -29.84 -25.51
CA GLU A 11 -41.16 -29.17 -24.64
C GLU A 11 -40.61 -28.83 -23.26
N GLU A 12 -39.33 -29.11 -23.00
CA GLU A 12 -38.67 -28.69 -21.76
C GLU A 12 -37.46 -27.81 -22.05
N ASN A 13 -37.20 -27.55 -23.33
CA ASN A 13 -36.21 -26.60 -23.83
C ASN A 13 -36.56 -25.18 -23.40
N GLN A 14 -35.70 -24.61 -22.55
CA GLN A 14 -35.95 -23.28 -22.01
C GLN A 14 -35.52 -22.15 -22.95
N ASN A 15 -34.70 -22.42 -23.95
CA ASN A 15 -34.18 -21.27 -24.66
CA ASN A 15 -34.11 -21.36 -24.79
C ASN A 15 -35.14 -20.77 -25.73
N VAL A 16 -35.11 -19.45 -25.94
CA VAL A 16 -36.10 -18.80 -26.79
C VAL A 16 -35.76 -18.88 -28.27
N SER A 17 -34.61 -19.45 -28.64
CA SER A 17 -34.29 -19.72 -30.04
C SER A 17 -33.22 -20.80 -30.07
N LEU A 18 -33.11 -21.46 -31.21
CA LEU A 18 -32.02 -22.42 -31.39
C LEU A 18 -30.66 -21.75 -31.17
N ASN A 19 -30.48 -20.54 -31.72
CA ASN A 19 -29.22 -19.84 -31.56
C ASN A 19 -28.88 -19.58 -30.09
N GLU A 20 -29.85 -19.17 -29.28
CA GLU A 20 -29.59 -18.95 -27.86
CA GLU A 20 -29.53 -18.94 -27.89
C GLU A 20 -29.18 -20.25 -27.17
N GLY A 21 -29.87 -21.35 -27.50
CA GLY A 21 -29.50 -22.62 -26.91
C GLY A 21 -28.10 -23.05 -27.32
N ASP A 22 -27.73 -22.81 -28.57
CA ASP A 22 -26.38 -23.15 -29.01
C ASP A 22 -25.33 -22.29 -28.31
N ILE A 23 -25.61 -20.99 -28.12
CA ILE A 23 -24.68 -20.12 -27.39
C ILE A 23 -24.52 -20.62 -25.97
N VAL A 24 -25.62 -20.92 -25.28
CA VAL A 24 -25.53 -21.39 -23.90
C VAL A 24 -24.69 -22.66 -23.82
N SER A 25 -24.90 -23.60 -24.76
CA SER A 25 -24.11 -24.83 -24.74
CA SER A 25 -24.11 -24.83 -24.74
CA SER A 25 -24.11 -24.83 -24.77
C SER A 25 -22.62 -24.53 -24.93
N LYS A 26 -22.29 -23.61 -25.83
CA LYS A 26 -20.90 -23.24 -26.04
CA LYS A 26 -20.88 -23.26 -26.02
C LYS A 26 -20.31 -22.58 -24.78
N LEU A 27 -21.06 -21.67 -24.16
CA LEU A 27 -20.57 -21.03 -22.94
C LEU A 27 -20.33 -22.07 -21.85
N LYS A 28 -21.23 -23.04 -21.73
CA LYS A 28 -21.12 -24.04 -20.67
C LYS A 28 -19.88 -24.90 -20.84
N GLU A 29 -19.44 -25.13 -22.07
CA GLU A 29 -18.32 -26.02 -22.27
CA GLU A 29 -18.32 -26.00 -22.40
C GLU A 29 -16.97 -25.31 -22.28
N THR A 30 -16.92 -24.03 -21.89
CA THR A 30 -15.64 -23.35 -21.86
C THR A 30 -14.67 -24.05 -20.90
N PRO A 31 -13.38 -24.09 -21.24
CA PRO A 31 -12.45 -24.87 -20.40
C PRO A 31 -12.35 -24.35 -18.97
N GLN A 32 -12.22 -25.27 -18.03
CA GLN A 32 -12.10 -24.94 -16.62
C GLN A 32 -10.84 -25.53 -16.02
N GLU A 33 -10.51 -25.10 -14.81
CA GLU A 33 -9.35 -25.55 -14.07
C GLU A 33 -9.76 -26.44 -12.91
N THR A 34 -8.84 -27.30 -12.50
CA THR A 34 -9.09 -28.17 -11.37
C THR A 34 -8.86 -27.38 -10.09
N LEU A 35 -9.83 -27.45 -9.19
CA LEU A 35 -9.76 -26.78 -7.90
C LEU A 35 -9.54 -27.87 -6.87
N VAL A 36 -8.83 -27.54 -5.81
CA VAL A 36 -8.73 -28.45 -4.69
C VAL A 36 -9.10 -27.68 -3.43
N PRO A 37 -9.47 -28.37 -2.36
CA PRO A 37 -9.82 -27.71 -1.10
C PRO A 37 -8.68 -26.88 -0.57
N THR A 38 -9.01 -25.70 -0.03
CA THR A 38 -8.05 -24.81 0.60
C THR A 38 -8.64 -24.24 1.87
N LYS A 39 -7.85 -23.42 2.58
CA LYS A 39 -8.33 -22.78 3.79
C LYS A 39 -9.45 -21.80 3.53
N TRP A 40 -9.64 -21.41 2.27
CA TRP A 40 -10.72 -20.47 1.95
C TRP A 40 -12.06 -21.14 1.79
N ASP A 41 -12.12 -22.46 1.86
CA ASP A 41 -13.38 -23.20 1.75
C ASP A 41 -14.14 -23.16 3.08
N VAL A 42 -14.55 -21.94 3.43
CA VAL A 42 -15.32 -21.65 4.64
C VAL A 42 -16.42 -20.67 4.24
N GLY A 43 -17.47 -20.60 5.06
CA GLY A 43 -18.63 -19.81 4.70
C GLY A 43 -18.33 -18.32 4.53
N ASP A 44 -17.32 -17.81 5.25
CA ASP A 44 -16.96 -16.39 5.18
C ASP A 44 -16.68 -15.96 3.75
N THR A 45 -16.18 -16.86 2.92
CA THR A 45 -15.73 -16.53 1.59
C THR A 45 -16.87 -16.33 0.60
N THR A 46 -18.09 -16.71 0.98
CA THR A 46 -19.22 -16.76 0.05
C THR A 46 -20.02 -15.46 0.01
N VAL A 47 -19.56 -14.42 0.71
CA VAL A 47 -20.24 -13.13 0.68
C VAL A 47 -19.24 -12.01 0.44
N SER A 48 -19.74 -10.96 -0.18
CA SER A 48 -19.01 -9.71 -0.29
C SER A 48 -19.09 -8.92 1.02
N ASN A 49 -18.08 -8.07 1.25
CA ASN A 49 -18.09 -7.10 2.33
C ASN A 49 -17.99 -5.68 1.80
N GLU A 50 -18.38 -5.45 0.54
CA GLU A 50 -18.36 -4.14 -0.11
C GLU A 50 -19.74 -3.53 0.04
N ASP A 51 -19.86 -2.45 0.83
CA ASP A 51 -21.14 -1.89 1.21
C ASP A 51 -21.60 -0.70 0.36
N ARG A 52 -20.82 -0.26 -0.62
CA ARG A 52 -21.18 0.89 -1.42
C ARG A 52 -21.12 0.57 -2.89
N LEU A 53 -21.59 -0.62 -3.28
CA LEU A 53 -21.62 -0.96 -4.70
C LEU A 53 -22.53 -0.03 -5.48
N ASP A 54 -23.48 0.64 -4.81
CA ASP A 54 -24.34 1.58 -5.50
C ASP A 54 -23.56 2.70 -6.17
N LEU A 55 -22.34 3.01 -5.71
CA LEU A 55 -21.54 4.03 -6.39
C LEU A 55 -21.23 3.63 -7.81
N LEU A 56 -21.33 2.35 -8.15
CA LEU A 56 -21.04 1.89 -9.50
C LEU A 56 -22.17 2.16 -10.47
N ILE A 57 -23.41 2.37 -9.98
CA ILE A 57 -24.56 2.43 -10.88
C ILE A 57 -24.36 3.32 -12.10
N PRO A 58 -23.94 4.57 -11.97
CA PRO A 58 -23.85 5.43 -13.17
C PRO A 58 -22.79 4.96 -14.15
N HIS A 59 -21.79 4.20 -13.68
CA HIS A 59 -20.75 3.66 -14.55
C HIS A 59 -21.17 2.40 -15.27
N VAL A 60 -21.84 1.47 -14.58
CA VAL A 60 -22.14 0.19 -15.17
C VAL A 60 -23.52 0.08 -15.80
N GLN A 61 -24.44 0.99 -15.51
CA GLN A 61 -25.81 0.80 -15.97
CA GLN A 61 -25.81 0.84 -15.97
C GLN A 61 -25.86 0.66 -17.49
N ASN A 62 -26.57 -0.38 -17.95
CA ASN A 62 -26.83 -0.62 -19.37
C ASN A 62 -25.59 -0.92 -20.19
N LEU A 63 -24.44 -1.25 -19.60
CA LEU A 63 -23.28 -1.61 -20.43
C LEU A 63 -23.51 -2.86 -21.26
N GLY A 64 -24.33 -3.79 -20.78
CA GLY A 64 -24.70 -4.97 -21.54
C GLY A 64 -23.48 -5.86 -21.79
N ASN A 65 -23.57 -6.61 -22.89
CA ASN A 65 -22.51 -7.56 -23.25
C ASN A 65 -22.31 -8.61 -22.17
N VAL A 66 -21.19 -9.32 -22.17
CA VAL A 66 -21.00 -10.43 -21.23
C VAL A 66 -20.42 -9.91 -19.91
N TYR A 67 -20.79 -10.54 -18.80
CA TYR A 67 -20.27 -10.21 -17.48
C TYR A 67 -19.32 -11.33 -17.05
N VAL A 68 -18.14 -10.99 -16.51
CA VAL A 68 -17.24 -11.97 -15.88
C VAL A 68 -16.89 -11.45 -14.49
N GLY A 69 -17.03 -12.28 -13.46
CA GLY A 69 -16.64 -11.81 -12.13
C GLY A 69 -16.23 -12.90 -11.18
N VAL A 70 -15.29 -12.53 -10.29
CA VAL A 70 -14.96 -13.34 -9.12
C VAL A 70 -16.02 -13.12 -8.05
N GLY A 71 -16.08 -14.03 -7.06
CA GLY A 71 -17.01 -13.79 -5.97
C GLY A 71 -18.42 -14.28 -6.19
N SER A 72 -19.39 -13.67 -5.54
CA SER A 72 -20.69 -14.28 -5.34
CA SER A 72 -20.70 -14.30 -5.39
C SER A 72 -21.85 -13.37 -5.76
N GLU A 73 -22.83 -13.17 -4.85
CA GLU A 73 -24.06 -12.48 -5.25
C GLU A 73 -23.88 -11.04 -5.69
N GLN A 74 -22.80 -10.38 -5.27
CA GLN A 74 -22.61 -9.00 -5.70
C GLN A 74 -22.50 -8.90 -7.22
N ASN A 75 -22.06 -9.97 -7.88
CA ASN A 75 -22.00 -9.99 -9.34
C ASN A 75 -23.39 -9.91 -9.96
N LEU A 76 -24.38 -10.54 -9.31
CA LEU A 76 -25.73 -10.47 -9.82
C LEU A 76 -26.29 -9.06 -9.67
N THR A 77 -25.94 -8.37 -8.58
CA THR A 77 -26.32 -6.97 -8.43
C THR A 77 -25.78 -6.15 -9.61
N ILE A 78 -24.48 -6.27 -9.88
CA ILE A 78 -23.90 -5.41 -10.90
C ILE A 78 -24.41 -5.79 -12.29
N ALA A 79 -24.54 -7.10 -12.55
CA ALA A 79 -25.01 -7.57 -13.86
C ALA A 79 -26.44 -7.13 -14.13
N ALA A 80 -27.30 -7.08 -13.10
CA ALA A 80 -28.66 -6.60 -13.32
C ALA A 80 -28.64 -5.12 -13.72
N TRP A 81 -27.82 -4.31 -13.05
CA TRP A 81 -27.69 -2.91 -13.43
C TRP A 81 -27.20 -2.78 -14.86
N ALA A 82 -26.22 -3.61 -15.23
CA ALA A 82 -25.65 -3.55 -16.57
C ALA A 82 -26.55 -4.15 -17.62
N LYS A 83 -27.57 -4.92 -17.23
CA LYS A 83 -28.33 -5.74 -18.19
C LYS A 83 -27.38 -6.60 -19.01
N SER A 84 -26.49 -7.30 -18.31
CA SER A 84 -25.58 -8.23 -18.99
C SER A 84 -26.35 -9.33 -19.72
N ASP A 85 -25.82 -9.74 -20.87
CA ASP A 85 -26.48 -10.79 -21.65
C ASP A 85 -26.22 -12.19 -21.08
N PHE A 86 -25.04 -12.41 -20.51
CA PHE A 86 -24.62 -13.68 -19.94
C PHE A 86 -23.69 -13.35 -18.80
N ILE A 87 -23.63 -14.22 -17.80
CA ILE A 87 -22.83 -14.00 -16.60
C ILE A 87 -21.94 -15.21 -16.35
N TYR A 88 -20.62 -15.02 -16.46
CA TYR A 88 -19.66 -16.01 -15.94
C TYR A 88 -19.26 -15.63 -14.51
N LEU A 89 -19.44 -16.56 -13.60
CA LEU A 89 -18.98 -16.41 -12.22
C LEU A 89 -17.78 -17.32 -12.09
N MET A 90 -16.60 -16.76 -12.24
CA MET A 90 -15.37 -17.54 -12.26
C MET A 90 -14.65 -17.34 -10.93
N ASP A 91 -14.43 -18.40 -10.17
CA ASP A 91 -13.74 -18.28 -8.90
C ASP A 91 -12.81 -19.48 -8.72
N PHE A 92 -11.81 -19.31 -7.87
CA PHE A 92 -10.81 -20.34 -7.63
C PHE A 92 -11.06 -21.12 -6.36
N THR A 93 -12.07 -20.75 -5.56
CA THR A 93 -12.37 -21.47 -4.33
C THR A 93 -13.64 -22.30 -4.56
N GLN A 94 -13.57 -23.61 -4.26
CA GLN A 94 -14.69 -24.49 -4.58
CA GLN A 94 -14.68 -24.54 -4.51
C GLN A 94 -15.97 -24.06 -3.86
N ILE A 95 -15.86 -23.56 -2.62
CA ILE A 95 -17.08 -23.20 -1.91
C ILE A 95 -17.82 -22.08 -2.62
N VAL A 96 -17.08 -21.15 -3.24
CA VAL A 96 -17.72 -20.05 -3.95
C VAL A 96 -18.45 -20.56 -5.18
N VAL A 97 -17.79 -21.44 -5.95
CA VAL A 97 -18.40 -22.00 -7.16
C VAL A 97 -19.66 -22.76 -6.80
N HIS A 98 -19.60 -23.57 -5.74
CA HIS A 98 -20.75 -24.36 -5.35
C HIS A 98 -21.87 -23.51 -4.75
N ALA A 99 -21.53 -22.50 -3.92
CA ALA A 99 -22.57 -21.65 -3.38
C ALA A 99 -23.27 -20.89 -4.50
N ASN A 100 -22.52 -20.46 -5.51
CA ASN A 100 -23.18 -19.81 -6.64
C ASN A 100 -24.12 -20.78 -7.36
N THR A 101 -23.71 -22.06 -7.49
CA THR A 101 -24.56 -23.07 -8.11
C THR A 101 -25.87 -23.21 -7.33
N ILE A 102 -25.79 -23.19 -6.01
CA ILE A 102 -27.00 -23.22 -5.18
C ILE A 102 -27.84 -21.98 -5.43
N THR A 103 -27.22 -20.80 -5.44
CA THR A 103 -27.98 -19.57 -5.68
C THR A 103 -28.74 -19.64 -7.00
N ILE A 104 -28.11 -20.17 -8.06
CA ILE A 104 -28.79 -20.25 -9.34
C ILE A 104 -30.00 -21.18 -9.26
N LEU A 105 -29.85 -22.33 -8.61
CA LEU A 105 -30.99 -23.24 -8.43
C LEU A 105 -32.10 -22.54 -7.68
N PHE A 106 -31.75 -21.79 -6.61
CA PHE A 106 -32.79 -21.09 -5.84
C PHE A 106 -33.47 -20.03 -6.69
N LEU A 107 -32.72 -19.29 -7.51
CA LEU A 107 -33.32 -18.31 -8.42
C LEU A 107 -34.30 -18.98 -9.36
N GLN A 108 -33.90 -20.09 -9.98
CA GLN A 108 -34.80 -20.81 -10.89
C GLN A 108 -36.12 -21.16 -10.24
N LYS A 109 -36.10 -21.56 -8.97
CA LYS A 109 -37.30 -22.04 -8.32
C LYS A 109 -38.08 -20.95 -7.59
N SER A 110 -37.54 -19.74 -7.45
CA SER A 110 -38.11 -18.71 -6.59
C SER A 110 -38.79 -17.64 -7.46
N GLU A 111 -40.12 -17.65 -7.49
CA GLU A 111 -40.82 -16.77 -8.43
C GLU A 111 -40.66 -15.30 -8.07
N LYS A 112 -40.47 -14.98 -6.79
CA LYS A 112 -40.35 -13.60 -6.34
C LYS A 112 -39.10 -13.47 -5.47
N LYS A 113 -38.62 -12.24 -5.36
CA LYS A 113 -37.39 -11.99 -4.60
C LYS A 113 -37.51 -12.47 -3.16
N GLU A 114 -38.71 -12.35 -2.57
CA GLU A 114 -38.88 -12.80 -1.20
C GLU A 114 -38.69 -14.32 -1.09
N ASP A 115 -39.06 -15.06 -2.14
CA ASP A 115 -38.89 -16.52 -2.12
C ASP A 115 -37.42 -16.89 -2.14
N PHE A 116 -36.62 -16.15 -2.91
CA PHE A 116 -35.20 -16.40 -2.95
C PHE A 116 -34.53 -16.13 -1.61
N ILE A 117 -34.82 -14.96 -1.02
CA ILE A 117 -34.30 -14.63 0.29
C ILE A 117 -34.71 -15.69 1.29
N ARG A 118 -35.96 -16.17 1.19
CA ARG A 118 -36.46 -17.16 2.14
CA ARG A 118 -36.46 -17.16 2.14
C ARG A 118 -35.70 -18.48 2.05
N LEU A 119 -35.42 -18.97 0.82
CA LEU A 119 -34.70 -20.24 0.70
C LEU A 119 -33.33 -20.18 1.32
N TRP A 120 -32.62 -19.05 1.16
CA TRP A 120 -31.33 -18.91 1.82
C TRP A 120 -31.46 -18.65 3.32
N GLY A 121 -32.67 -18.30 3.78
CA GLY A 121 -32.90 -17.90 5.15
C GLY A 121 -33.28 -19.06 6.04
N LYS A 122 -33.34 -18.76 7.34
CA LYS A 122 -33.73 -19.77 8.30
C LYS A 122 -35.12 -20.32 8.01
N GLU A 123 -36.05 -19.45 7.60
CA GLU A 123 -37.43 -19.86 7.34
C GLU A 123 -37.51 -20.93 6.25
N GLY A 124 -36.74 -20.77 5.18
CA GLY A 124 -36.79 -21.68 4.07
C GLY A 124 -35.78 -22.79 4.08
N GLU A 125 -34.96 -22.90 5.14
CA GLU A 125 -33.88 -23.88 5.17
C GLU A 125 -34.38 -25.31 4.91
N LYS A 126 -35.46 -25.74 5.57
CA LYS A 126 -35.92 -27.11 5.36
C LYS A 126 -36.29 -27.36 3.90
N GLU A 127 -37.07 -26.44 3.32
CA GLU A 127 -37.43 -26.51 1.91
C GLU A 127 -36.20 -26.43 1.00
N ALA A 128 -35.28 -25.53 1.33
CA ALA A 128 -34.06 -25.38 0.51
C ALA A 128 -33.25 -26.67 0.49
N LEU A 129 -33.07 -27.30 1.65
CA LEU A 129 -32.30 -28.53 1.70
C LEU A 129 -33.01 -29.69 0.99
N GLU A 130 -34.34 -29.72 1.04
CA GLU A 130 -35.07 -30.71 0.26
C GLU A 130 -34.92 -30.47 -1.25
N LEU A 131 -34.90 -29.21 -1.68
CA LEU A 131 -34.72 -28.89 -3.08
C LEU A 131 -33.32 -29.32 -3.54
N ILE A 132 -32.29 -29.04 -2.72
CA ILE A 132 -30.96 -29.52 -3.05
C ILE A 132 -30.96 -31.04 -3.15
N GLN A 133 -31.63 -31.72 -2.20
CA GLN A 133 -31.63 -33.18 -2.18
C GLN A 133 -32.11 -33.78 -3.50
N VAL A 134 -33.14 -33.20 -4.10
CA VAL A 134 -33.71 -33.76 -5.34
C VAL A 134 -32.99 -33.28 -6.59
N SER A 135 -32.06 -32.33 -6.49
CA SER A 135 -31.49 -31.64 -7.66
C SER A 135 -30.12 -32.16 -8.09
N PHE A 136 -29.52 -33.07 -7.33
CA PHE A 136 -28.16 -33.55 -7.60
C PHE A 136 -28.10 -35.03 -7.31
N SER A 137 -27.16 -35.72 -7.95
CA SER A 137 -26.86 -37.10 -7.54
C SER A 137 -25.98 -37.12 -6.30
N ASP A 138 -25.21 -36.05 -6.05
CA ASP A 138 -24.36 -35.92 -4.87
C ASP A 138 -24.82 -34.70 -4.07
N PRO A 139 -26.06 -34.69 -3.59
CA PRO A 139 -26.56 -33.46 -2.95
C PRO A 139 -25.83 -33.10 -1.69
N GLU A 140 -25.20 -34.05 -0.99
CA GLU A 140 -24.54 -33.68 0.26
C GLU A 140 -23.41 -32.68 0.05
N VAL A 141 -22.75 -32.69 -1.11
CA VAL A 141 -21.73 -31.69 -1.41
C VAL A 141 -22.33 -30.30 -1.24
N TYR A 142 -23.55 -30.12 -1.77
CA TYR A 142 -24.22 -28.83 -1.77
C TYR A 142 -24.91 -28.56 -0.46
N LYS A 143 -25.43 -29.58 0.23
CA LYS A 143 -26.03 -29.33 1.54
C LYS A 143 -24.98 -28.84 2.53
N LYS A 144 -23.77 -29.41 2.46
CA LYS A 144 -22.69 -28.93 3.33
CA LYS A 144 -22.70 -28.93 3.34
C LYS A 144 -22.37 -27.47 3.03
N VAL A 145 -22.26 -27.13 1.74
CA VAL A 145 -22.01 -25.73 1.36
C VAL A 145 -23.13 -24.83 1.86
N TYR A 146 -24.38 -25.26 1.72
CA TYR A 146 -25.50 -24.45 2.22
C TYR A 146 -25.33 -24.17 3.70
N LYS A 147 -25.01 -25.20 4.48
CA LYS A 147 -24.89 -25.03 5.93
C LYS A 147 -23.69 -24.17 6.32
N GLN A 148 -22.59 -24.23 5.56
CA GLN A 148 -21.45 -23.37 5.85
C GLN A 148 -21.75 -21.93 5.47
N ALA A 149 -22.37 -21.72 4.31
CA ALA A 149 -22.49 -20.39 3.72
C ALA A 149 -23.70 -19.64 4.27
N SER A 150 -24.78 -20.33 4.56
CA SER A 150 -26.03 -19.64 4.90
C SER A 150 -25.93 -18.64 6.06
N PRO A 151 -25.21 -18.90 7.15
CA PRO A 151 -25.17 -17.85 8.19
C PRO A 151 -24.60 -16.54 7.67
N PHE A 152 -23.59 -16.60 6.79
CA PHE A 152 -23.01 -15.40 6.23
C PHE A 152 -23.91 -14.77 5.18
N ILE A 153 -24.54 -15.60 4.34
CA ILE A 153 -25.42 -15.10 3.29
C ILE A 153 -26.64 -14.41 3.91
N ARG A 154 -27.18 -14.98 5.01
CA ARG A 154 -28.33 -14.36 5.67
C ARG A 154 -27.96 -12.98 6.21
N LYS A 155 -26.81 -12.87 6.85
CA LYS A 155 -26.39 -11.58 7.39
C LYS A 155 -26.21 -10.58 6.25
N ARG A 156 -25.60 -11.01 5.14
CA ARG A 156 -25.40 -10.12 4.02
C ARG A 156 -26.71 -9.70 3.36
N HIS A 157 -27.69 -10.62 3.28
CA HIS A 157 -28.98 -10.23 2.74
C HIS A 157 -29.62 -9.13 3.61
N LYS A 158 -29.53 -9.25 4.93
CA LYS A 158 -30.15 -8.25 5.80
CA LYS A 158 -30.15 -8.25 5.80
C LYS A 158 -29.43 -6.91 5.69
N THR A 159 -28.11 -6.94 5.54
CA THR A 159 -27.34 -5.73 5.30
C THR A 159 -27.71 -5.11 3.96
N ASN A 160 -27.84 -5.92 2.89
CA ASN A 160 -28.19 -5.37 1.59
C ASN A 160 -29.55 -4.68 1.63
N LEU A 161 -30.52 -5.25 2.32
CA LEU A 161 -31.81 -4.59 2.40
C LEU A 161 -31.64 -3.23 3.09
N MET A 162 -30.93 -3.22 4.21
CA MET A 162 -30.64 -1.97 4.91
C MET A 162 -29.98 -0.94 3.99
N LEU A 163 -28.95 -1.35 3.22
CA LEU A 163 -28.20 -0.42 2.37
C LEU A 163 -29.07 0.12 1.24
N SER A 164 -29.87 -0.75 0.64
CA SER A 164 -30.75 -0.32 -0.45
CA SER A 164 -30.76 -0.33 -0.45
C SER A 164 -31.70 0.78 0.01
N LYS A 165 -32.17 0.72 1.26
CA LYS A 165 -33.03 1.78 1.76
C LYS A 165 -32.22 2.99 2.19
N LYS A 166 -31.06 2.77 2.81
CA LYS A 166 -30.24 3.87 3.33
C LYS A 166 -29.78 4.77 2.22
N TYR A 167 -29.36 4.19 1.10
CA TYR A 167 -28.88 4.96 -0.04
C TYR A 167 -29.89 5.07 -1.15
N ASN A 168 -31.10 4.54 -0.96
CA ASN A 168 -32.21 4.73 -1.89
C ASN A 168 -31.82 4.29 -3.31
N TYR A 169 -31.51 3.01 -3.45
CA TYR A 169 -31.26 2.47 -4.77
C TYR A 169 -31.89 1.09 -4.89
N LYS A 170 -32.09 0.67 -6.14
CA LYS A 170 -32.61 -0.66 -6.45
C LYS A 170 -31.46 -1.64 -6.63
N MET A 171 -31.67 -2.87 -6.14
CA MET A 171 -30.74 -3.96 -6.47
C MET A 171 -31.58 -5.25 -6.53
N PHE A 172 -30.97 -6.32 -7.06
CA PHE A 172 -31.78 -7.48 -7.48
C PHE A 172 -32.49 -8.17 -6.32
N GLN A 173 -32.06 -7.96 -5.06
CA GLN A 173 -32.74 -8.58 -3.93
C GLN A 173 -33.89 -7.75 -3.41
N THR A 174 -33.97 -6.49 -3.82
CA THR A 174 -34.93 -5.55 -3.26
C THR A 174 -35.82 -4.89 -4.30
N ASP A 175 -35.69 -5.26 -5.58
CA ASP A 175 -36.47 -4.65 -6.65
C ASP A 175 -37.00 -5.75 -7.56
N ASP A 176 -38.33 -5.75 -7.78
CA ASP A 176 -38.95 -6.84 -8.53
C ASP A 176 -38.40 -6.94 -9.96
N GLU A 177 -38.23 -5.81 -10.65
CA GLU A 177 -37.77 -5.87 -12.03
CA GLU A 177 -37.77 -5.87 -12.03
C GLU A 177 -36.35 -6.40 -12.13
N GLN A 178 -35.45 -5.94 -11.26
CA GLN A 178 -34.07 -6.41 -11.31
C GLN A 178 -33.98 -7.87 -10.87
N TYR A 179 -34.80 -8.28 -9.91
CA TYR A 179 -34.88 -9.69 -9.53
C TYR A 179 -35.30 -10.53 -10.74
N SER A 180 -36.37 -10.10 -11.42
CA SER A 180 -36.88 -10.84 -12.57
CA SER A 180 -36.88 -10.86 -12.56
C SER A 180 -35.83 -10.97 -13.66
N TYR A 181 -35.01 -9.94 -13.86
CA TYR A 181 -33.98 -9.98 -14.90
C TYR A 181 -32.96 -11.06 -14.58
N ILE A 182 -32.48 -11.10 -13.33
CA ILE A 182 -31.52 -12.12 -12.92
C ILE A 182 -32.15 -13.51 -12.97
N ARG A 183 -33.41 -13.63 -12.53
CA ARG A 183 -34.05 -14.95 -12.57
C ARG A 183 -34.21 -15.44 -14.00
N LYS A 184 -34.50 -14.53 -14.93
CA LYS A 184 -34.64 -14.92 -16.33
C LYS A 184 -33.32 -15.51 -16.85
N LEU A 185 -32.20 -14.83 -16.57
CA LEU A 185 -30.89 -15.40 -16.93
C LEU A 185 -30.69 -16.76 -16.30
N ALA A 186 -31.06 -16.91 -15.01
CA ALA A 186 -30.85 -18.18 -14.33
C ALA A 186 -31.62 -19.29 -15.02
N ILE A 187 -32.91 -19.04 -15.31
CA ILE A 187 -33.75 -20.02 -15.98
C ILE A 187 -33.18 -20.41 -17.33
N GLU A 188 -32.60 -19.47 -18.05
CA GLU A 188 -32.09 -19.68 -19.39
C GLU A 188 -30.72 -20.32 -19.42
N GLY A 189 -30.11 -20.61 -18.27
CA GLY A 189 -28.80 -21.20 -18.26
C GLY A 189 -27.68 -20.21 -18.53
N LYS A 190 -27.97 -18.92 -18.38
CA LYS A 190 -27.04 -17.86 -18.74
C LYS A 190 -26.22 -17.36 -17.59
N ILE A 191 -26.33 -17.98 -16.42
CA ILE A 191 -25.45 -17.68 -15.28
C ILE A 191 -24.64 -18.94 -15.06
N LEU A 192 -23.33 -18.84 -15.25
CA LEU A 192 -22.46 -20.00 -15.38
C LEU A 192 -21.35 -19.93 -14.35
N PRO A 193 -21.44 -20.72 -13.28
CA PRO A 193 -20.32 -20.78 -12.33
C PRO A 193 -19.24 -21.68 -12.88
N ILE A 194 -18.02 -21.18 -12.94
CA ILE A 194 -16.92 -21.92 -13.54
C ILE A 194 -15.68 -21.81 -12.65
N ARG A 195 -14.85 -22.84 -12.72
CA ARG A 195 -13.66 -22.93 -11.89
C ARG A 195 -12.48 -22.26 -12.60
N GLY A 196 -11.90 -21.24 -12.00
CA GLY A 196 -10.77 -20.61 -12.62
C GLY A 196 -10.05 -19.64 -11.70
N ASN A 197 -8.73 -19.63 -11.80
CA ASN A 197 -7.87 -18.71 -11.07
C ASN A 197 -7.60 -17.51 -11.98
N LEU A 198 -7.70 -16.30 -11.44
CA LEU A 198 -7.23 -15.14 -12.20
C LEU A 198 -5.81 -15.30 -12.69
N LEU A 199 -4.98 -16.04 -11.94
CA LEU A 199 -3.58 -16.26 -12.29
C LEU A 199 -3.35 -17.59 -13.00
N GLY A 200 -4.42 -18.32 -13.33
CA GLY A 200 -4.32 -19.57 -14.06
C GLY A 200 -4.05 -19.39 -15.54
N ASN A 201 -3.91 -20.52 -16.23
CA ASN A 201 -3.57 -20.49 -17.66
C ASN A 201 -4.62 -21.14 -18.56
N ILE A 202 -5.75 -21.57 -18.01
CA ILE A 202 -6.79 -22.21 -18.82
CA ILE A 202 -6.79 -22.20 -18.81
C ILE A 202 -8.07 -21.38 -18.87
N THR A 203 -8.67 -21.09 -17.70
CA THR A 203 -10.06 -20.64 -17.71
C THR A 203 -10.24 -19.24 -18.26
N LEU A 204 -9.48 -18.28 -17.78
CA LEU A 204 -9.74 -16.90 -18.18
C LEU A 204 -9.37 -16.66 -19.65
N THR A 205 -8.26 -17.27 -20.10
CA THR A 205 -7.96 -17.27 -21.52
C THR A 205 -9.07 -17.96 -22.30
N GLY A 206 -9.59 -19.06 -21.75
CA GLY A 206 -10.65 -19.80 -22.41
C GLY A 206 -11.92 -18.99 -22.57
N ILE A 207 -12.23 -18.12 -21.60
CA ILE A 207 -13.41 -17.27 -21.74
C ILE A 207 -13.26 -16.38 -22.97
N GLY A 208 -12.08 -15.78 -23.12
CA GLY A 208 -11.88 -14.92 -24.27
C GLY A 208 -11.99 -15.69 -25.58
N ASN A 209 -11.44 -16.92 -25.61
CA ASN A 209 -11.53 -17.70 -26.85
C ASN A 209 -12.97 -18.13 -27.14
N THR A 210 -13.72 -18.50 -26.10
CA THR A 210 -15.11 -18.89 -26.28
C THR A 210 -15.92 -17.71 -26.81
N LEU A 211 -15.75 -16.54 -26.20
CA LEU A 211 -16.50 -15.37 -26.62
C LEU A 211 -16.12 -14.95 -28.04
N LYS A 212 -14.83 -15.02 -28.39
CA LYS A 212 -14.43 -14.77 -29.77
C LYS A 212 -15.11 -15.72 -30.75
N LYS A 213 -15.22 -17.00 -30.38
CA LYS A 213 -15.81 -17.98 -31.27
C LYS A 213 -17.28 -17.67 -31.54
N ILE A 214 -17.99 -17.19 -30.53
CA ILE A 214 -19.42 -16.89 -30.71
C ILE A 214 -19.68 -15.44 -31.08
N GLY A 215 -18.65 -14.65 -31.30
CA GLY A 215 -18.83 -13.27 -31.73
C GLY A 215 -19.38 -12.32 -30.68
N ARG A 216 -19.07 -12.55 -29.41
CA ARG A 216 -19.54 -11.67 -28.34
CA ARG A 216 -19.55 -11.72 -28.31
C ARG A 216 -18.37 -11.04 -27.60
N LYS A 217 -18.70 -10.11 -26.71
CA LYS A 217 -17.70 -9.26 -26.07
C LYS A 217 -17.98 -9.17 -24.58
N VAL A 218 -16.90 -8.94 -23.81
CA VAL A 218 -17.05 -8.66 -22.39
C VAL A 218 -17.47 -7.22 -22.20
N GLY A 219 -18.53 -7.01 -21.40
CA GLY A 219 -18.92 -5.67 -20.97
C GLY A 219 -18.39 -5.23 -19.63
N ILE A 220 -18.28 -6.18 -18.70
CA ILE A 220 -17.76 -5.89 -17.37
C ILE A 220 -16.94 -7.07 -16.92
N ILE A 221 -15.76 -6.80 -16.35
CA ILE A 221 -15.04 -7.79 -15.57
C ILE A 221 -14.85 -7.26 -14.16
N TYR A 222 -15.29 -8.03 -13.16
CA TYR A 222 -15.25 -7.63 -11.76
C TYR A 222 -14.19 -8.45 -11.03
N PHE A 223 -13.24 -7.76 -10.40
CA PHE A 223 -12.15 -8.38 -9.65
C PHE A 223 -12.29 -8.29 -8.14
N SER A 224 -13.31 -7.60 -7.62
CA SER A 224 -13.32 -7.27 -6.19
C SER A 224 -11.99 -6.62 -5.86
N ASN A 225 -11.39 -6.95 -4.72
CA ASN A 225 -10.04 -6.47 -4.43
C ASN A 225 -9.01 -7.56 -4.63
N ALA A 226 -9.31 -8.55 -5.50
CA ALA A 226 -8.39 -9.66 -5.69
C ALA A 226 -7.01 -9.21 -6.15
N GLU A 227 -6.93 -8.11 -6.91
CA GLU A 227 -5.64 -7.64 -7.42
C GLU A 227 -4.74 -7.16 -6.29
N GLU A 228 -5.30 -6.85 -5.13
CA GLU A 228 -4.44 -6.45 -4.01
C GLU A 228 -3.53 -7.57 -3.55
N TYR A 229 -3.75 -8.81 -4.01
CA TYR A 229 -2.95 -9.95 -3.58
C TYR A 229 -1.81 -10.31 -4.53
N PHE A 230 -1.62 -9.57 -5.64
CA PHE A 230 -0.57 -9.98 -6.58
C PHE A 230 -0.10 -8.81 -7.43
N ALA A 231 1.16 -8.86 -7.82
CA ALA A 231 1.63 -8.10 -8.97
C ALA A 231 1.21 -8.88 -10.22
N TYR A 232 0.82 -8.17 -11.25
CA TYR A 232 0.28 -8.84 -12.44
C TYR A 232 1.31 -9.77 -13.07
N PRO A 233 1.03 -11.08 -13.17
CA PRO A 233 1.95 -11.99 -13.86
C PRO A 233 1.56 -12.17 -15.32
N GLN A 234 2.44 -12.86 -16.07
CA GLN A 234 2.26 -13.00 -17.51
C GLN A 234 0.95 -13.66 -17.89
N GLU A 235 0.54 -14.73 -17.19
CA GLU A 235 -0.67 -15.42 -17.62
C GLU A 235 -1.90 -14.53 -17.50
N PHE A 236 -1.94 -13.67 -16.48
CA PHE A 236 -3.06 -12.74 -16.31
C PHE A 236 -3.01 -11.66 -17.39
N LYS A 237 -1.81 -11.16 -17.70
CA LYS A 237 -1.71 -10.21 -18.79
C LYS A 237 -2.24 -10.80 -20.09
N ASN A 238 -1.80 -12.02 -20.41
CA ASN A 238 -2.25 -12.66 -21.65
C ASN A 238 -3.76 -12.86 -21.66
N SER A 239 -4.33 -13.32 -20.53
CA SER A 239 -5.77 -13.58 -20.48
CA SER A 239 -5.75 -13.59 -20.56
C SER A 239 -6.57 -12.31 -20.68
N ILE A 240 -6.17 -11.22 -20.01
CA ILE A 240 -6.92 -9.97 -20.16
C ILE A 240 -6.77 -9.40 -21.56
N LEU A 241 -5.56 -9.45 -22.14
CA LEU A 241 -5.37 -9.00 -23.51
C LEU A 241 -6.20 -9.79 -24.49
N ASN A 242 -6.45 -11.07 -24.18
CA ASN A 242 -7.20 -11.94 -25.08
C ASN A 242 -8.71 -11.74 -25.01
N LEU A 243 -9.21 -10.97 -24.06
CA LEU A 243 -10.66 -10.79 -23.96
C LEU A 243 -11.14 -9.89 -25.09
N PRO A 244 -12.20 -10.29 -25.82
CA PRO A 244 -12.86 -9.35 -26.73
C PRO A 244 -13.70 -8.39 -25.90
N VAL A 245 -13.59 -7.09 -26.20
CA VAL A 245 -14.22 -6.06 -25.38
C VAL A 245 -14.90 -5.03 -26.26
N SER A 246 -15.89 -4.35 -25.67
CA SER A 246 -16.54 -3.21 -26.27
C SER A 246 -15.79 -1.94 -25.89
N GLU A 247 -16.03 -0.86 -26.65
CA GLU A 247 -15.42 0.43 -26.32
C GLU A 247 -15.77 0.87 -24.90
N SER A 248 -16.97 0.57 -24.45
CA SER A 248 -17.45 1.04 -23.16
C SER A 248 -17.19 0.05 -22.03
N SER A 249 -16.63 -1.12 -22.33
CA SER A 249 -16.45 -2.18 -21.34
CA SER A 249 -16.52 -2.15 -21.31
C SER A 249 -15.61 -1.70 -20.17
N LEU A 250 -15.96 -2.13 -18.94
CA LEU A 250 -15.29 -1.69 -17.72
C LEU A 250 -14.76 -2.84 -16.88
N VAL A 251 -13.58 -2.60 -16.29
CA VAL A 251 -13.14 -3.27 -15.08
C VAL A 251 -13.81 -2.64 -13.88
N VAL A 252 -14.25 -3.45 -12.93
CA VAL A 252 -14.67 -2.99 -11.62
C VAL A 252 -13.77 -3.63 -10.58
N ARG A 253 -13.23 -2.83 -9.66
CA ARG A 253 -12.38 -3.35 -8.59
C ARG A 253 -12.58 -2.49 -7.35
N THR A 254 -12.04 -3.00 -6.24
CA THR A 254 -11.91 -2.20 -5.03
C THR A 254 -10.48 -2.30 -4.54
N ILE A 255 -10.09 -1.31 -3.72
CA ILE A 255 -8.82 -1.32 -3.01
C ILE A 255 -9.06 -0.93 -1.55
N SER A 256 -8.03 -1.18 -0.74
CA SER A 256 -8.16 -0.92 0.68
C SER A 256 -6.89 -0.35 1.29
N VAL A 257 -5.97 0.13 0.47
CA VAL A 257 -4.70 0.69 0.92
C VAL A 257 -4.62 2.13 0.44
N ARG A 258 -3.67 2.87 1.01
CA ARG A 258 -3.45 4.28 0.69
C ARG A 258 -4.75 5.08 0.75
N LYS A 259 -5.44 4.97 1.89
CA LYS A 259 -6.69 5.70 2.02
C LYS A 259 -6.48 7.21 2.04
N ASP A 260 -5.25 7.69 2.25
CA ASP A 260 -4.97 9.12 2.08
C ASP A 260 -5.23 9.56 0.64
N LEU A 261 -4.88 8.71 -0.33
CA LEU A 261 -5.13 9.01 -1.75
C LEU A 261 -6.51 8.57 -2.19
N PHE A 262 -6.99 7.47 -1.60
CA PHE A 262 -8.17 6.76 -2.08
C PHE A 262 -9.07 6.50 -0.87
N PRO A 263 -9.80 7.52 -0.42
CA PRO A 263 -10.54 7.37 0.84
C PRO A 263 -11.63 6.31 0.73
N TRP A 264 -11.86 5.59 1.83
CA TRP A 264 -12.91 4.57 1.82
C TRP A 264 -14.27 5.25 1.77
N SER A 265 -15.17 4.69 0.99
CA SER A 265 -16.47 5.33 0.78
C SER A 265 -17.21 5.47 2.11
N PRO A 266 -17.91 6.59 2.31
CA PRO A 266 -18.81 6.69 3.46
C PRO A 266 -19.76 5.50 3.51
N GLY A 267 -19.91 4.93 4.70
CA GLY A 267 -20.76 3.78 4.89
C GLY A 267 -20.05 2.46 4.79
N SER A 268 -18.73 2.45 4.51
CA SER A 268 -18.00 1.20 4.35
C SER A 268 -17.94 0.39 5.64
N GLU A 269 -18.22 1.02 6.78
CA GLU A 269 -17.98 0.42 8.08
C GLU A 269 -18.99 -0.65 8.46
N ILE A 270 -20.04 -0.85 7.67
CA ILE A 270 -21.07 -1.82 8.04
C ILE A 270 -20.50 -3.24 8.05
N SER A 271 -19.81 -3.63 6.97
CA SER A 271 -19.37 -5.01 6.80
C SER A 271 -17.89 -5.21 7.02
N THR A 272 -17.11 -4.14 7.14
CA THR A 272 -15.65 -4.31 7.27
C THR A 272 -15.08 -3.09 7.97
N ASP A 273 -13.92 -3.29 8.59
CA ASP A 273 -13.13 -2.19 9.11
C ASP A 273 -11.89 -1.90 8.27
N ARG A 274 -11.76 -2.50 7.08
CA ARG A 274 -10.60 -2.26 6.23
C ARG A 274 -11.08 -2.18 4.78
N GLY A 275 -11.24 -0.97 4.26
CA GLY A 275 -11.78 -0.79 2.93
C GLY A 275 -13.12 -0.08 2.99
N PHE A 276 -13.65 0.28 1.82
CA PHE A 276 -13.07 0.09 0.51
C PHE A 276 -13.22 1.37 -0.28
N HIS A 277 -12.30 1.56 -1.23
CA HIS A 277 -12.43 2.56 -2.29
C HIS A 277 -12.72 1.80 -3.58
N TYR A 278 -13.62 2.35 -4.41
CA TYR A 278 -14.11 1.67 -5.61
C TYR A 278 -13.39 2.25 -6.81
N CYS A 279 -13.27 1.45 -7.87
CA CYS A 279 -12.56 1.92 -9.04
C CYS A 279 -13.12 1.26 -10.30
N VAL A 280 -13.36 2.08 -11.33
CA VAL A 280 -13.69 1.56 -12.66
C VAL A 280 -12.62 2.01 -13.64
N GLN A 281 -12.51 1.29 -14.76
CA GLN A 281 -11.46 1.53 -15.73
C GLN A 281 -11.88 0.82 -17.01
N LYS A 282 -11.82 1.49 -18.14
CA LYS A 282 -12.14 0.78 -19.37
C LYS A 282 -11.22 -0.42 -19.54
N ILE A 283 -11.78 -1.57 -19.96
CA ILE A 283 -10.91 -2.74 -20.17
C ILE A 283 -9.84 -2.46 -21.20
N SER A 284 -10.16 -1.69 -22.24
CA SER A 284 -9.14 -1.33 -23.23
C SER A 284 -8.00 -0.54 -22.58
N ASN A 285 -8.34 0.37 -21.66
CA ASN A 285 -7.32 1.12 -20.92
C ASN A 285 -6.49 0.18 -20.05
N PHE A 286 -7.16 -0.74 -19.38
CA PHE A 286 -6.44 -1.70 -18.54
C PHE A 286 -5.49 -2.55 -19.37
N GLN A 287 -5.89 -2.93 -20.59
CA GLN A 287 -5.01 -3.70 -21.46
C GLN A 287 -3.75 -2.93 -21.82
N LYS A 288 -3.84 -1.60 -21.96
CA LYS A 288 -2.64 -0.78 -22.13
C LYS A 288 -1.72 -0.88 -20.91
N TRP A 289 -2.28 -0.73 -19.71
CA TRP A 289 -1.44 -0.83 -18.52
C TRP A 289 -0.77 -2.19 -18.44
N LEU A 290 -1.51 -3.25 -18.72
CA LEU A 290 -0.95 -4.60 -18.61
C LEU A 290 0.12 -4.87 -19.66
N SER A 291 0.07 -4.20 -20.80
CA SER A 291 1.03 -4.42 -21.87
CA SER A 291 1.04 -4.43 -21.87
C SER A 291 2.30 -3.60 -21.69
N SER A 292 2.30 -2.63 -20.77
CA SER A 292 3.37 -1.64 -20.64
C SER A 292 4.69 -2.19 -20.11
N GLY A 293 4.69 -3.34 -19.45
CA GLY A 293 5.93 -3.87 -18.90
C GLY A 293 6.46 -3.15 -17.68
N LYS A 294 5.63 -2.38 -16.99
CA LYS A 294 6.11 -1.72 -15.77
C LYS A 294 6.42 -2.81 -14.75
N PRO A 295 7.66 -2.91 -14.26
CA PRO A 295 7.99 -4.04 -13.38
C PRO A 295 7.21 -3.98 -12.08
N GLY A 296 6.64 -5.11 -11.69
CA GLY A 296 5.97 -5.11 -10.41
C GLY A 296 4.67 -4.35 -10.37
N LEU A 297 4.10 -4.01 -11.53
CA LEU A 297 2.84 -3.28 -11.59
C LEU A 297 1.73 -4.01 -10.85
N ARG A 298 0.95 -3.23 -10.10
CA ARG A 298 -0.17 -3.70 -9.30
C ARG A 298 -1.30 -2.69 -9.48
N SER A 299 -2.53 -3.10 -9.11
CA SER A 299 -3.67 -2.20 -9.26
C SER A 299 -3.46 -0.85 -8.55
N LEU A 300 -2.79 -0.86 -7.37
CA LEU A 300 -2.58 0.40 -6.66
C LEU A 300 -1.80 1.38 -7.53
N GLN A 301 -0.73 0.91 -8.15
CA GLN A 301 0.08 1.77 -9.00
C GLN A 301 -0.70 2.25 -10.23
N VAL A 302 -1.51 1.37 -10.82
CA VAL A 302 -2.40 1.78 -11.91
C VAL A 302 -3.27 2.97 -11.47
N MET A 303 -3.82 2.88 -10.26
CA MET A 303 -4.69 3.95 -9.77
C MET A 303 -3.91 5.21 -9.38
N VAL A 304 -2.72 5.06 -8.75
CA VAL A 304 -1.90 6.22 -8.39
C VAL A 304 -1.56 7.02 -9.63
N GLU A 305 -1.14 6.33 -10.70
CA GLU A 305 -0.64 6.98 -11.91
C GLU A 305 -1.73 7.31 -12.89
N GLY A 306 -2.85 6.58 -12.86
CA GLY A 306 -3.83 6.75 -13.90
C GLY A 306 -5.21 7.19 -13.46
N GLY A 307 -5.42 7.35 -12.15
CA GLY A 307 -6.76 7.55 -11.62
C GLY A 307 -7.14 9.01 -11.40
N THR A 308 -8.41 9.32 -11.69
CA THR A 308 -9.06 10.58 -11.31
C THR A 308 -10.02 10.24 -10.18
N VAL A 309 -9.81 10.84 -9.01
CA VAL A 309 -10.36 10.38 -7.74
C VAL A 309 -11.50 11.30 -7.29
N ASP A 310 -12.64 10.71 -6.95
CA ASP A 310 -13.68 11.35 -6.16
C ASP A 310 -13.38 10.96 -4.71
N LYS A 311 -12.74 11.90 -4.00
CA LYS A 311 -12.32 11.67 -2.61
C LYS A 311 -13.47 11.76 -1.63
N LYS A 312 -14.58 12.37 -2.03
CA LYS A 312 -15.73 12.48 -1.13
C LYS A 312 -16.47 11.14 -1.04
N ASN A 313 -16.78 10.54 -2.18
CA ASN A 313 -17.54 9.31 -2.15
C ASN A 313 -16.65 8.08 -2.21
N GLY A 314 -15.36 8.25 -2.53
CA GLY A 314 -14.48 7.10 -2.54
C GLY A 314 -14.55 6.24 -3.78
N ILE A 315 -14.54 6.86 -4.96
CA ILE A 315 -14.52 6.13 -6.21
C ILE A 315 -13.59 6.84 -7.20
N THR A 316 -12.86 6.04 -7.97
CA THR A 316 -11.88 6.49 -8.96
C THR A 316 -12.24 5.94 -10.33
N VAL A 317 -12.02 6.75 -11.36
CA VAL A 317 -12.00 6.29 -12.75
C VAL A 317 -10.56 6.31 -13.21
N VAL A 318 -10.03 5.19 -13.67
CA VAL A 318 -8.71 5.19 -14.29
C VAL A 318 -8.92 5.50 -15.76
N ASP A 319 -8.73 6.78 -16.11
CA ASP A 319 -8.96 7.27 -17.45
C ASP A 319 -7.68 7.75 -18.11
N LYS A 320 -6.53 7.61 -17.45
CA LYS A 320 -5.24 8.03 -17.97
C LYS A 320 -4.43 6.78 -18.30
N GLU A 321 -3.39 6.98 -19.08
CA GLU A 321 -2.67 5.86 -19.64
C GLU A 321 -1.25 5.79 -19.13
N PRO A 322 -0.64 4.61 -19.20
CA PRO A 322 0.72 4.47 -18.71
C PRO A 322 1.64 5.36 -19.52
N VAL A 323 2.51 6.07 -18.83
CA VAL A 323 3.56 6.85 -19.47
C VAL A 323 4.83 6.04 -19.37
N VAL A 324 5.54 5.92 -20.50
CA VAL A 324 6.74 5.09 -20.57
C VAL A 324 7.87 5.74 -19.77
N THR A 325 8.57 4.94 -18.99
CA THR A 325 9.68 5.41 -18.16
C THR A 325 10.82 5.97 -19.01
N GLY B 21 5.38 10.90 -7.55
CA GLY B 21 5.32 9.46 -7.67
C GLY B 21 6.52 8.88 -8.40
N ASP B 22 6.75 9.36 -9.63
CA ASP B 22 7.92 8.91 -10.40
C ASP B 22 9.21 9.21 -9.65
N ILE B 23 9.23 10.33 -8.91
CA ILE B 23 10.41 10.69 -8.13
C ILE B 23 10.67 9.65 -7.05
N VAL B 24 9.61 9.23 -6.34
CA VAL B 24 9.77 8.23 -5.29
C VAL B 24 10.35 6.94 -5.86
N SER B 25 9.93 6.58 -7.08
CA SER B 25 10.49 5.41 -7.75
C SER B 25 11.99 5.59 -8.01
N LYS B 26 12.38 6.73 -8.58
CA LYS B 26 13.80 6.96 -8.85
C LYS B 26 14.58 7.05 -7.55
N LEU B 27 13.99 7.67 -6.54
CA LEU B 27 14.68 7.76 -5.25
C LEU B 27 14.85 6.38 -4.64
N LYS B 28 13.84 5.51 -4.79
CA LYS B 28 13.89 4.18 -4.19
C LYS B 28 14.93 3.29 -4.84
N GLU B 29 15.29 3.55 -6.11
CA GLU B 29 16.21 2.72 -6.87
CA GLU B 29 16.21 2.69 -6.84
C GLU B 29 17.66 3.13 -6.72
N THR B 30 17.96 4.14 -5.89
CA THR B 30 19.32 4.62 -5.78
C THR B 30 20.24 3.50 -5.30
N PRO B 31 21.47 3.42 -5.79
CA PRO B 31 22.30 2.25 -5.48
C PRO B 31 22.74 2.24 -4.03
N GLN B 32 22.88 1.03 -3.50
CA GLN B 32 23.20 0.79 -2.09
C GLN B 32 24.38 -0.17 -1.97
N GLU B 33 24.91 -0.25 -0.75
CA GLU B 33 26.06 -1.07 -0.43
C GLU B 33 25.63 -2.28 0.39
N THR B 34 26.43 -3.35 0.32
CA THR B 34 26.15 -4.54 1.09
C THR B 34 26.75 -4.38 2.48
N LEU B 35 25.99 -4.72 3.51
CA LEU B 35 26.43 -4.63 4.89
C LEU B 35 26.63 -6.04 5.48
N VAL B 36 27.55 -6.13 6.43
CA VAL B 36 27.81 -7.34 7.22
C VAL B 36 27.60 -6.99 8.68
N PRO B 37 26.93 -7.81 9.47
CA PRO B 37 26.75 -7.49 10.89
C PRO B 37 28.10 -7.41 11.60
N THR B 38 28.15 -6.53 12.61
CA THR B 38 29.34 -6.30 13.42
C THR B 38 28.92 -6.24 14.87
N LYS B 39 29.90 -6.00 15.75
CA LYS B 39 29.63 -5.73 17.16
C LYS B 39 28.65 -4.57 17.36
N TRP B 40 28.50 -3.68 16.38
CA TRP B 40 27.58 -2.56 16.50
C TRP B 40 26.13 -2.94 16.23
N ASP B 41 25.87 -4.17 15.77
CA ASP B 41 24.51 -4.62 15.51
C ASP B 41 23.87 -5.07 16.83
N VAL B 42 23.59 -4.05 17.64
CA VAL B 42 22.96 -4.22 18.95
C VAL B 42 21.97 -3.08 19.10
N GLY B 43 21.01 -3.27 20.02
CA GLY B 43 19.96 -2.30 20.23
C GLY B 43 20.49 -0.93 20.58
N ASP B 44 21.63 -0.88 21.28
CA ASP B 44 22.21 0.39 21.73
C ASP B 44 22.42 1.36 20.58
N THR B 45 22.74 0.83 19.39
CA THR B 45 23.09 1.64 18.23
C THR B 45 21.90 2.33 17.56
N THR B 46 20.67 1.93 17.93
CA THR B 46 19.48 2.39 17.22
C THR B 46 18.91 3.68 17.77
N VAL B 47 19.58 4.31 18.74
CA VAL B 47 19.13 5.57 19.31
C VAL B 47 20.28 6.57 19.30
N SER B 48 19.91 7.82 19.16
CA SER B 48 20.83 8.94 19.34
C SER B 48 21.12 9.17 20.81
N ASN B 49 22.29 9.76 21.07
CA ASN B 49 22.64 10.22 22.40
C ASN B 49 22.92 11.72 22.41
N GLU B 50 22.36 12.45 21.47
CA GLU B 50 22.54 13.91 21.33
C GLU B 50 21.32 14.59 21.98
N ASP B 51 21.55 15.27 23.10
CA ASP B 51 20.45 15.76 23.93
C ASP B 51 20.09 17.21 23.71
N ARG B 52 20.74 17.92 22.80
CA ARG B 52 20.50 19.35 22.62
C ARG B 52 20.23 19.71 21.17
N LEU B 53 19.54 18.81 20.46
CA LEU B 53 19.19 19.08 19.06
C LEU B 53 18.37 20.34 18.88
N ASP B 54 17.68 20.78 19.93
CA ASP B 54 16.91 22.01 19.83
C ASP B 54 17.77 23.22 19.47
N LEU B 55 19.08 23.17 19.73
CA LEU B 55 19.97 24.27 19.35
C LEU B 55 19.99 24.45 17.84
N LEU B 56 19.61 23.41 17.08
CA LEU B 56 19.63 23.47 15.63
C LEU B 56 18.45 24.22 15.05
N ILE B 57 17.35 24.39 15.81
CA ILE B 57 16.09 24.89 15.25
C ILE B 57 16.27 26.16 14.42
N PRO B 58 16.93 27.23 14.90
CA PRO B 58 16.98 28.46 14.10
C PRO B 58 17.82 28.31 12.87
N HIS B 59 18.70 27.31 12.83
CA HIS B 59 19.55 27.09 11.66
C HIS B 59 18.85 26.27 10.59
N VAL B 60 18.18 25.18 10.98
CA VAL B 60 17.66 24.24 10.00
C VAL B 60 16.21 24.49 9.62
N GLN B 61 15.47 25.30 10.38
CA GLN B 61 14.03 25.34 10.12
C GLN B 61 13.74 25.90 8.74
N ASN B 62 12.80 25.23 8.06
CA ASN B 62 12.27 25.65 6.76
C ASN B 62 13.27 25.61 5.63
N LEU B 63 14.43 24.95 5.80
CA LEU B 63 15.36 24.89 4.67
C LEU B 63 14.83 24.05 3.51
N GLY B 64 13.94 23.08 3.78
CA GLY B 64 13.31 22.35 2.69
C GLY B 64 14.30 21.46 1.96
N ASN B 65 13.92 21.13 0.73
CA ASN B 65 14.71 20.29 -0.16
C ASN B 65 14.91 18.87 0.41
N VAL B 66 15.86 18.14 -0.11
CA VAL B 66 16.06 16.75 0.31
C VAL B 66 16.90 16.68 1.58
N TYR B 67 16.60 15.70 2.42
CA TYR B 67 17.36 15.45 3.65
C TYR B 67 18.16 14.16 3.47
N VAL B 68 19.41 14.16 3.91
CA VAL B 68 20.22 12.96 3.98
C VAL B 68 20.84 12.86 5.37
N GLY B 69 20.74 11.73 6.04
CA GLY B 69 21.39 11.63 7.34
C GLY B 69 21.74 10.23 7.77
N VAL B 70 22.82 10.12 8.54
CA VAL B 70 23.17 8.89 9.25
C VAL B 70 22.31 8.78 10.51
N GLY B 71 22.23 7.58 11.08
CA GLY B 71 21.54 7.45 12.36
C GLY B 71 20.06 7.18 12.23
N SER B 72 19.28 7.62 13.23
CA SER B 72 17.95 7.05 13.45
C SER B 72 16.90 8.13 13.60
N GLU B 73 16.09 8.08 14.66
CA GLU B 73 14.94 8.97 14.75
C GLU B 73 15.30 10.45 14.83
N GLN B 74 16.53 10.81 15.26
CA GLN B 74 16.86 12.23 15.33
C GLN B 74 16.76 12.89 13.97
N ASN B 75 16.94 12.11 12.89
CA ASN B 75 16.81 12.68 11.55
C ASN B 75 15.39 13.12 11.27
N LEU B 76 14.41 12.41 11.82
CA LEU B 76 13.01 12.81 11.62
C LEU B 76 12.72 14.11 12.39
N THR B 77 13.30 14.26 13.58
CA THR B 77 13.18 15.55 14.28
C THR B 77 13.72 16.70 13.43
N ILE B 78 14.93 16.55 12.89
CA ILE B 78 15.54 17.64 12.14
C ILE B 78 14.77 17.88 10.85
N ALA B 79 14.37 16.79 10.15
CA ALA B 79 13.68 16.93 8.87
C ALA B 79 12.31 17.58 9.05
N ALA B 80 11.63 17.31 10.18
CA ALA B 80 10.34 17.99 10.41
C ALA B 80 10.55 19.49 10.60
N TRP B 81 11.60 19.90 11.31
CA TRP B 81 11.88 21.31 11.44
C TRP B 81 12.20 21.91 10.08
N ALA B 82 13.01 21.19 9.29
CA ALA B 82 13.39 21.68 7.98
C ALA B 82 12.25 21.68 6.98
N LYS B 83 11.19 20.94 7.24
CA LYS B 83 10.17 20.67 6.23
CA LYS B 83 10.17 20.66 6.23
C LYS B 83 10.80 20.06 4.96
N SER B 84 11.64 19.05 5.17
CA SER B 84 12.26 18.36 4.06
C SER B 84 11.22 17.75 3.15
N ASP B 85 11.53 17.71 1.84
CA ASP B 85 10.62 17.13 0.85
C ASP B 85 10.70 15.61 0.79
N PHE B 86 11.87 15.07 1.09
CA PHE B 86 12.16 13.64 1.02
C PHE B 86 13.31 13.39 1.97
N ILE B 87 13.36 12.19 2.57
CA ILE B 87 14.37 11.86 3.58
C ILE B 87 15.07 10.57 3.21
N TYR B 88 16.38 10.64 2.98
CA TYR B 88 17.22 9.46 2.93
C TYR B 88 17.86 9.23 4.30
N LEU B 89 17.67 8.05 4.86
CA LEU B 89 18.33 7.62 6.09
C LEU B 89 19.39 6.63 5.68
N MET B 90 20.63 7.09 5.52
CA MET B 90 21.73 6.27 5.03
C MET B 90 22.62 5.89 6.20
N ASP B 91 22.75 4.59 6.48
CA ASP B 91 23.61 4.14 7.57
C ASP B 91 24.39 2.90 7.15
N PHE B 92 25.50 2.69 7.84
CA PHE B 92 26.41 1.60 7.59
C PHE B 92 26.19 0.40 8.50
N THR B 93 25.38 0.53 9.55
CA THR B 93 25.13 -0.59 10.46
C THR B 93 23.76 -1.17 10.15
N GLN B 94 23.71 -2.48 9.88
CA GLN B 94 22.48 -3.09 9.38
CA GLN B 94 22.49 -3.11 9.40
C GLN B 94 21.32 -2.92 10.37
N ILE B 95 21.57 -3.03 11.67
CA ILE B 95 20.46 -2.93 12.62
C ILE B 95 19.84 -1.55 12.57
N VAL B 96 20.63 -0.51 12.26
CA VAL B 96 20.09 0.84 12.17
C VAL B 96 19.16 0.96 10.97
N VAL B 97 19.57 0.43 9.82
CA VAL B 97 18.70 0.45 8.64
C VAL B 97 17.39 -0.29 8.94
N HIS B 98 17.52 -1.48 9.54
CA HIS B 98 16.34 -2.28 9.86
C HIS B 98 15.42 -1.59 10.85
N ALA B 99 15.96 -0.98 11.92
CA ALA B 99 15.08 -0.35 12.89
C ALA B 99 14.41 0.88 12.27
N ASN B 100 15.11 1.59 11.38
CA ASN B 100 14.46 2.70 10.70
C ASN B 100 13.31 2.21 9.82
N THR B 101 13.46 1.05 9.20
CA THR B 101 12.38 0.46 8.41
C THR B 101 11.17 0.17 9.28
N ILE B 102 11.40 -0.35 10.49
CA ILE B 102 10.30 -0.59 11.41
C ILE B 102 9.63 0.72 11.81
N THR B 103 10.42 1.74 12.17
CA THR B 103 9.88 3.05 12.50
C THR B 103 8.96 3.58 11.41
N ILE B 104 9.37 3.43 10.15
CA ILE B 104 8.56 3.94 9.06
C ILE B 104 7.22 3.21 8.98
N LEU B 105 7.25 1.88 9.14
CA LEU B 105 6.00 1.13 9.19
C LEU B 105 5.11 1.63 10.33
N PHE B 106 5.71 1.82 11.52
CA PHE B 106 4.90 2.27 12.65
C PHE B 106 4.30 3.64 12.39
N LEU B 107 5.06 4.55 11.77
CA LEU B 107 4.50 5.85 11.40
C LEU B 107 3.32 5.70 10.46
N GLN B 108 3.46 4.82 9.46
CA GLN B 108 2.36 4.63 8.50
C GLN B 108 1.10 4.14 9.19
N LYS B 109 1.25 3.31 10.23
CA LYS B 109 0.08 2.73 10.89
CA LYS B 109 0.08 2.72 10.89
C LYS B 109 -0.43 3.54 12.07
N SER B 110 0.26 4.57 12.48
CA SER B 110 -0.02 5.28 13.73
C SER B 110 -0.60 6.66 13.42
N GLU B 111 -1.90 6.82 13.64
CA GLU B 111 -2.55 8.08 13.28
C GLU B 111 -2.02 9.26 14.08
N LYS B 112 -1.69 9.05 15.35
CA LYS B 112 -1.24 10.12 16.22
C LYS B 112 0.08 9.71 16.88
N LYS B 113 0.79 10.71 17.43
CA LYS B 113 2.09 10.44 18.02
C LYS B 113 1.99 9.42 19.14
N GLU B 114 0.87 9.43 19.87
CA GLU B 114 0.69 8.46 20.97
C GLU B 114 0.68 7.03 20.44
N ASP B 115 0.14 6.83 19.23
CA ASP B 115 0.08 5.49 18.68
C ASP B 115 1.47 5.02 18.26
N PHE B 116 2.29 5.93 17.71
CA PHE B 116 3.66 5.59 17.34
C PHE B 116 4.49 5.20 18.56
N ILE B 117 4.42 6.02 19.62
CA ILE B 117 5.16 5.71 20.84
C ILE B 117 4.69 4.38 21.41
N ARG B 118 3.37 4.13 21.37
CA ARG B 118 2.84 2.89 21.91
C ARG B 118 3.38 1.66 21.16
N LEU B 119 3.45 1.71 19.82
CA LEU B 119 3.93 0.53 19.09
C LEU B 119 5.37 0.19 19.44
N TRP B 120 6.21 1.21 19.61
CA TRP B 120 7.58 0.96 20.05
C TRP B 120 7.66 0.59 21.53
N GLY B 121 6.60 0.87 22.29
CA GLY B 121 6.61 0.65 23.72
C GLY B 121 6.14 -0.76 24.14
N LYS B 122 6.34 -1.05 25.43
CA LYS B 122 6.00 -2.37 25.96
C LYS B 122 4.51 -2.63 25.80
N GLU B 123 3.71 -1.59 25.95
CA GLU B 123 2.26 -1.71 25.87
C GLU B 123 1.79 -2.09 24.48
N GLY B 124 2.50 -1.67 23.43
CA GLY B 124 2.10 -2.01 22.07
C GLY B 124 2.86 -3.16 21.46
N GLU B 125 3.71 -3.83 22.24
CA GLU B 125 4.61 -4.82 21.66
C GLU B 125 3.85 -5.96 20.99
N LYS B 126 2.78 -6.47 21.63
CA LYS B 126 2.05 -7.57 21.02
C LYS B 126 1.49 -7.17 19.66
N GLU B 127 0.84 -6.00 19.61
CA GLU B 127 0.31 -5.50 18.33
C GLU B 127 1.44 -5.23 17.34
N ALA B 128 2.55 -4.67 17.82
CA ALA B 128 3.66 -4.32 16.92
C ALA B 128 4.22 -5.57 16.25
N LEU B 129 4.40 -6.64 17.03
CA LEU B 129 4.94 -7.88 16.47
C LEU B 129 3.96 -8.51 15.47
N GLU B 130 2.67 -8.45 15.78
CA GLU B 130 1.67 -8.95 14.82
C GLU B 130 1.70 -8.13 13.54
N LEU B 131 1.89 -6.81 13.66
CA LEU B 131 1.96 -5.94 12.49
C LEU B 131 3.18 -6.27 11.64
N ILE B 132 4.35 -6.42 12.26
CA ILE B 132 5.56 -6.83 11.55
C ILE B 132 5.33 -8.14 10.82
N GLN B 133 4.67 -9.10 11.48
CA GLN B 133 4.44 -10.41 10.88
C GLN B 133 3.77 -10.29 9.52
N VAL B 134 2.81 -9.37 9.37
CA VAL B 134 2.05 -9.27 8.12
C VAL B 134 2.62 -8.26 7.14
N SER B 135 3.67 -7.54 7.51
CA SER B 135 4.10 -6.40 6.71
C SER B 135 5.38 -6.64 5.92
N PHE B 136 6.02 -7.80 6.09
CA PHE B 136 7.26 -8.10 5.42
C PHE B 136 7.23 -9.55 4.95
N SER B 137 7.95 -9.82 3.86
CA SER B 137 8.14 -11.19 3.41
C SER B 137 9.12 -11.93 4.32
N ASP B 138 9.97 -11.22 5.03
CA ASP B 138 10.95 -11.79 5.96
C ASP B 138 10.71 -11.25 7.37
N PRO B 139 9.54 -11.53 7.97
CA PRO B 139 9.21 -10.84 9.22
C PRO B 139 10.11 -11.18 10.39
N GLU B 140 10.68 -12.39 10.47
CA GLU B 140 11.50 -12.68 11.65
CA GLU B 140 11.54 -12.74 11.60
C GLU B 140 12.71 -11.76 11.74
N VAL B 141 13.26 -11.31 10.60
CA VAL B 141 14.36 -10.34 10.64
C VAL B 141 13.96 -9.12 11.45
N TYR B 142 12.76 -8.61 11.18
CA TYR B 142 12.30 -7.40 11.83
C TYR B 142 11.77 -7.65 13.24
N LYS B 143 11.19 -8.81 13.53
CA LYS B 143 10.83 -9.09 14.92
C LYS B 143 12.06 -9.12 15.79
N LYS B 144 13.13 -9.74 15.31
CA LYS B 144 14.36 -9.82 16.08
C LYS B 144 14.89 -8.42 16.36
N VAL B 145 14.88 -7.55 15.36
CA VAL B 145 15.35 -6.18 15.53
C VAL B 145 14.46 -5.43 16.50
N TYR B 146 13.14 -5.59 16.39
CA TYR B 146 12.23 -4.94 17.34
C TYR B 146 12.63 -5.29 18.76
N LYS B 147 12.87 -6.58 19.03
CA LYS B 147 13.17 -7.00 20.40
C LYS B 147 14.53 -6.49 20.88
N GLN B 148 15.52 -6.40 19.99
CA GLN B 148 16.81 -5.81 20.37
C GLN B 148 16.70 -4.30 20.62
N ALA B 149 16.00 -3.57 19.77
CA ALA B 149 16.03 -2.12 19.73
C ALA B 149 15.03 -1.50 20.69
N SER B 150 13.86 -2.13 20.87
CA SER B 150 12.79 -1.50 21.64
C SER B 150 13.20 -1.05 23.04
N PRO B 151 13.98 -1.80 23.84
CA PRO B 151 14.32 -1.24 25.17
C PRO B 151 15.04 0.09 25.08
N PHE B 152 15.93 0.24 24.10
CA PHE B 152 16.66 1.49 23.94
C PHE B 152 15.77 2.58 23.36
N ILE B 153 14.97 2.25 22.36
CA ILE B 153 14.06 3.21 21.74
C ILE B 153 13.05 3.72 22.75
N ARG B 154 12.52 2.84 23.62
CA ARG B 154 11.58 3.26 24.65
C ARG B 154 12.21 4.27 25.59
N LYS B 155 13.42 3.99 26.06
CA LYS B 155 14.10 4.90 26.97
C LYS B 155 14.38 6.24 26.28
N ARG B 156 14.81 6.20 25.02
CA ARG B 156 15.09 7.45 24.31
C ARG B 156 13.82 8.24 24.09
N HIS B 157 12.69 7.57 23.83
CA HIS B 157 11.44 8.28 23.73
C HIS B 157 11.10 9.01 25.03
N LYS B 158 11.31 8.35 26.19
CA LYS B 158 11.06 9.05 27.44
CA LYS B 158 11.08 9.03 27.46
C LYS B 158 12.03 10.20 27.65
N THR B 159 13.30 10.02 27.28
CA THR B 159 14.26 11.12 27.34
C THR B 159 13.83 12.29 26.46
N ASN B 160 13.39 12.02 25.22
CA ASN B 160 12.97 13.10 24.33
C ASN B 160 11.77 13.84 24.90
N LEU B 161 10.84 13.13 25.51
CA LEU B 161 9.71 13.79 26.14
C LEU B 161 10.20 14.74 27.23
N MET B 162 11.13 14.27 28.08
CA MET B 162 11.67 15.15 29.11
CA MET B 162 11.70 15.13 29.11
C MET B 162 12.44 16.33 28.50
N LEU B 163 13.25 16.08 27.46
CA LEU B 163 14.01 17.18 26.86
C LEU B 163 13.09 18.22 26.26
N SER B 164 12.03 17.76 25.62
CA SER B 164 11.08 18.66 24.99
CA SER B 164 11.10 18.68 24.97
C SER B 164 10.41 19.58 26.01
N LYS B 165 10.21 19.09 27.22
CA LYS B 165 9.68 19.93 28.28
C LYS B 165 10.76 20.77 28.95
N LYS B 166 11.94 20.19 29.19
CA LYS B 166 13.04 20.92 29.83
C LYS B 166 13.42 22.15 29.04
N TYR B 167 13.57 22.02 27.73
CA TYR B 167 13.96 23.12 26.87
C TYR B 167 12.77 23.70 26.12
N ASN B 168 11.56 23.23 26.40
CA ASN B 168 10.29 23.75 25.87
C ASN B 168 10.37 24.01 24.36
N TYR B 169 10.47 22.92 23.60
CA TYR B 169 10.51 23.01 22.15
C TYR B 169 9.64 21.91 21.56
N LYS B 170 9.26 22.15 20.32
CA LYS B 170 8.44 21.22 19.55
CA LYS B 170 8.45 21.20 19.58
C LYS B 170 9.32 20.24 18.77
N MET B 171 8.98 18.96 18.81
CA MET B 171 9.67 17.95 18.00
C MET B 171 8.64 16.90 17.64
N PHE B 172 8.98 16.04 16.67
CA PHE B 172 7.94 15.22 16.02
C PHE B 172 7.29 14.19 16.96
N GLN B 173 7.93 13.81 18.06
CA GLN B 173 7.30 12.86 18.97
C GLN B 173 6.40 13.53 20.00
N THR B 174 6.47 14.87 20.14
CA THR B 174 5.77 15.59 21.18
C THR B 174 4.87 16.69 20.64
N ASP B 175 4.83 16.91 19.33
CA ASP B 175 4.02 17.98 18.73
C ASP B 175 3.18 17.38 17.61
N ASP B 176 1.85 17.54 17.70
CA ASP B 176 0.96 16.93 16.73
C ASP B 176 1.24 17.38 15.30
N GLU B 177 1.52 18.66 15.09
CA GLU B 177 1.76 19.14 13.72
CA GLU B 177 1.74 19.11 13.71
C GLU B 177 3.01 18.52 13.12
N GLN B 178 4.10 18.50 13.88
CA GLN B 178 5.33 17.93 13.37
C GLN B 178 5.22 16.42 13.20
N TYR B 179 4.50 15.75 14.13
CA TYR B 179 4.22 14.33 13.92
C TYR B 179 3.49 14.11 12.61
N SER B 180 2.43 14.87 12.37
CA SER B 180 1.66 14.70 11.14
CA SER B 180 1.66 14.70 11.14
C SER B 180 2.53 14.89 9.91
N TYR B 181 3.45 15.85 9.96
CA TYR B 181 4.33 16.11 8.83
C TYR B 181 5.17 14.87 8.49
N ILE B 182 5.80 14.30 9.51
CA ILE B 182 6.63 13.11 9.31
C ILE B 182 5.78 11.91 8.89
N ARG B 183 4.59 11.75 9.50
CA ARG B 183 3.73 10.64 9.11
C ARG B 183 3.32 10.74 7.64
N LYS B 184 3.05 11.95 7.16
CA LYS B 184 2.67 12.12 5.76
C LYS B 184 3.82 11.67 4.85
N LEU B 185 5.04 12.10 5.15
CA LEU B 185 6.17 11.62 4.37
C LEU B 185 6.23 10.11 4.41
N ALA B 186 6.09 9.52 5.59
CA ALA B 186 6.18 8.07 5.69
C ALA B 186 5.13 7.39 4.80
N ILE B 187 3.88 7.84 4.89
CA ILE B 187 2.78 7.25 4.13
C ILE B 187 3.04 7.33 2.64
N GLU B 188 3.62 8.46 2.20
CA GLU B 188 3.87 8.73 0.78
C GLU B 188 5.12 8.06 0.25
N GLY B 189 5.85 7.30 1.07
CA GLY B 189 7.03 6.62 0.59
C GLY B 189 8.25 7.52 0.50
N LYS B 190 8.23 8.66 1.18
CA LYS B 190 9.26 9.67 1.06
C LYS B 190 10.32 9.58 2.14
N ILE B 191 10.28 8.53 2.97
CA ILE B 191 11.36 8.28 3.93
C ILE B 191 11.96 6.95 3.55
N LEU B 192 13.24 6.95 3.18
CA LEU B 192 13.86 5.78 2.59
C LEU B 192 15.12 5.37 3.33
N PRO B 193 15.10 4.26 4.07
CA PRO B 193 16.36 3.78 4.69
C PRO B 193 17.19 3.09 3.63
N ILE B 194 18.46 3.47 3.53
CA ILE B 194 19.37 2.92 2.53
C ILE B 194 20.68 2.56 3.18
N ARG B 195 21.36 1.53 2.64
CA ARG B 195 22.61 1.01 3.20
C ARG B 195 23.76 1.76 2.58
N GLY B 196 24.55 2.43 3.39
CA GLY B 196 25.69 3.14 2.83
C GLY B 196 26.64 3.68 3.87
N ASN B 197 27.93 3.63 3.55
CA ASN B 197 29.01 4.15 4.38
C ASN B 197 29.36 5.54 3.87
N LEU B 198 29.55 6.48 4.79
CA LEU B 198 30.05 7.80 4.40
C LEU B 198 31.34 7.67 3.64
N LEU B 199 32.13 6.63 3.92
CA LEU B 199 33.40 6.40 3.25
C LEU B 199 33.29 5.39 2.12
N GLY B 200 32.07 5.01 1.78
CA GLY B 200 31.86 4.03 0.72
C GLY B 200 31.96 4.65 -0.65
N ASN B 201 31.83 3.77 -1.65
CA ASN B 201 32.03 4.18 -3.02
C ASN B 201 30.75 4.21 -3.84
N ILE B 202 29.64 3.72 -3.30
CA ILE B 202 28.42 3.52 -4.07
C ILE B 202 27.32 4.48 -3.63
N THR B 203 26.93 4.41 -2.34
CA THR B 203 25.64 5.01 -1.94
C THR B 203 25.68 6.53 -1.99
N LEU B 204 26.72 7.15 -1.43
CA LEU B 204 26.64 8.61 -1.26
C LEU B 204 26.84 9.31 -2.59
N THR B 205 27.79 8.83 -3.40
CA THR B 205 27.89 9.34 -4.76
C THR B 205 26.60 9.08 -5.53
N GLY B 206 25.97 7.93 -5.27
CA GLY B 206 24.73 7.60 -5.96
C GLY B 206 23.59 8.53 -5.62
N ILE B 207 23.52 9.01 -4.37
CA ILE B 207 22.49 9.99 -4.00
C ILE B 207 22.64 11.24 -4.87
N GLY B 208 23.87 11.75 -4.99
CA GLY B 208 24.03 12.94 -5.80
C GLY B 208 23.63 12.71 -7.24
N ASN B 209 24.02 11.56 -7.79
CA ASN B 209 23.63 11.24 -9.17
C ASN B 209 22.12 11.16 -9.31
N THR B 210 21.45 10.49 -8.37
CA THR B 210 20.00 10.37 -8.42
C THR B 210 19.34 11.74 -8.37
N LEU B 211 19.79 12.60 -7.45
CA LEU B 211 19.17 13.91 -7.33
C LEU B 211 19.41 14.77 -8.58
N LYS B 212 20.59 14.67 -9.18
CA LYS B 212 20.83 15.45 -10.38
C LYS B 212 19.93 15.00 -11.52
N LYS B 213 19.65 13.69 -11.61
CA LYS B 213 18.80 13.18 -12.68
C LYS B 213 17.37 13.72 -12.56
N ILE B 214 16.89 13.93 -11.33
CA ILE B 214 15.51 14.35 -11.12
C ILE B 214 15.41 15.85 -10.87
N GLY B 215 16.51 16.57 -10.90
CA GLY B 215 16.48 18.01 -10.73
C GLY B 215 16.17 18.49 -9.32
N ARG B 216 16.58 17.75 -8.30
CA ARG B 216 16.36 18.16 -6.91
C ARG B 216 17.70 18.39 -6.22
N LYS B 217 17.64 18.93 -5.01
CA LYS B 217 18.81 19.40 -4.28
C LYS B 217 18.76 18.95 -2.84
N VAL B 218 19.94 18.80 -2.23
CA VAL B 218 20.03 18.53 -0.79
C VAL B 218 19.86 19.84 -0.04
N GLY B 219 19.00 19.81 0.97
CA GLY B 219 18.86 20.91 1.91
C GLY B 219 19.60 20.71 3.22
N ILE B 220 19.67 19.48 3.72
CA ILE B 220 20.39 19.17 4.95
CA ILE B 220 20.36 19.14 4.97
C ILE B 220 21.10 17.84 4.76
N ILE B 221 22.36 17.78 5.17
CA ILE B 221 23.04 16.51 5.33
C ILE B 221 23.53 16.44 6.77
N TYR B 222 23.13 15.39 7.47
CA TYR B 222 23.44 15.18 8.89
C TYR B 222 24.44 14.05 9.06
N PHE B 223 25.58 14.35 9.70
CA PHE B 223 26.67 13.41 9.87
C PHE B 223 26.79 12.91 11.31
N SER B 224 25.96 13.39 12.25
CA SER B 224 26.21 13.14 13.66
C SER B 224 27.68 13.45 13.92
N ASN B 225 28.37 12.67 14.75
CA ASN B 225 29.79 12.87 14.97
C ASN B 225 30.63 11.89 14.19
N ALA B 226 30.10 11.36 13.09
CA ALA B 226 30.81 10.34 12.34
C ALA B 226 32.15 10.84 11.78
N GLU B 227 32.24 12.12 11.45
CA GLU B 227 33.48 12.65 10.90
C GLU B 227 34.62 12.63 11.89
N GLU B 228 34.34 12.47 13.18
CA GLU B 228 35.41 12.37 14.18
C GLU B 228 36.28 11.16 13.97
N TYR B 229 35.79 10.18 13.22
CA TYR B 229 36.47 8.92 13.07
C TYR B 229 37.32 8.82 11.80
N PHE B 230 37.46 9.91 11.04
CA PHE B 230 38.30 9.83 9.84
C PHE B 230 38.80 11.21 9.41
N ALA B 231 39.93 11.22 8.72
CA ALA B 231 40.28 12.36 7.90
C ALA B 231 39.60 12.15 6.54
N TYR B 232 39.12 13.22 5.92
CA TYR B 232 38.35 13.08 4.68
C TYR B 232 39.15 12.39 3.56
N PRO B 233 38.74 11.23 3.06
CA PRO B 233 39.37 10.60 1.90
C PRO B 233 38.78 11.12 0.60
N GLN B 234 39.44 10.78 -0.51
CA GLN B 234 38.98 11.33 -1.80
C GLN B 234 37.56 10.87 -2.17
N GLU B 235 37.18 9.64 -1.83
CA GLU B 235 35.82 9.16 -2.12
CA GLU B 235 35.84 9.22 -2.21
C GLU B 235 34.77 10.08 -1.53
N PHE B 236 34.96 10.44 -0.24
CA PHE B 236 34.02 11.30 0.47
C PHE B 236 34.05 12.70 -0.11
N LYS B 237 35.26 13.22 -0.37
CA LYS B 237 35.34 14.52 -1.03
C LYS B 237 34.56 14.52 -2.34
N ASN B 238 34.77 13.48 -3.16
CA ASN B 238 34.09 13.39 -4.45
C ASN B 238 32.58 13.32 -4.27
N SER B 239 32.12 12.50 -3.31
CA SER B 239 30.68 12.33 -3.20
CA SER B 239 30.67 12.32 -3.12
C SER B 239 30.02 13.62 -2.69
N ILE B 240 30.65 14.33 -1.75
CA ILE B 240 30.05 15.58 -1.29
C ILE B 240 30.11 16.65 -2.38
N LEU B 241 31.21 16.70 -3.12
CA LEU B 241 31.32 17.65 -4.22
C LEU B 241 30.27 17.36 -5.29
N ASN B 242 29.84 16.09 -5.40
CA ASN B 242 28.86 15.65 -6.39
C ASN B 242 27.42 15.94 -5.98
N LEU B 243 27.17 16.33 -4.74
CA LEU B 243 25.80 16.62 -4.35
C LEU B 243 25.32 17.94 -4.95
N PRO B 244 24.13 17.96 -5.55
CA PRO B 244 23.49 19.25 -5.86
C PRO B 244 22.90 19.79 -4.58
N VAL B 245 23.11 21.09 -4.34
CA VAL B 245 22.73 21.69 -3.06
C VAL B 245 22.04 23.02 -3.28
N SER B 246 21.16 23.36 -2.35
CA SER B 246 20.55 24.69 -2.33
C SER B 246 21.53 25.70 -1.72
N GLU B 247 21.30 26.99 -2.03
CA GLU B 247 22.19 28.04 -1.53
C GLU B 247 22.22 28.06 0.00
N SER B 248 21.10 27.79 0.64
CA SER B 248 21.03 27.84 2.10
C SER B 248 21.25 26.48 2.75
N SER B 249 21.50 25.44 1.97
CA SER B 249 21.60 24.10 2.55
CA SER B 249 21.66 24.08 2.49
C SER B 249 22.73 24.00 3.58
N LEU B 250 22.49 23.15 4.58
CA LEU B 250 23.41 22.98 5.70
C LEU B 250 23.90 21.55 5.93
N VAL B 251 25.16 21.44 6.32
CA VAL B 251 25.68 20.31 7.08
C VAL B 251 25.31 20.49 8.54
N VAL B 252 24.89 19.39 9.19
CA VAL B 252 24.70 19.32 10.63
C VAL B 252 25.63 18.26 11.15
N ARG B 253 26.47 18.59 12.14
CA ARG B 253 27.35 17.63 12.76
C ARG B 253 27.45 17.88 14.26
N THR B 254 28.03 16.92 14.96
CA THR B 254 28.42 17.09 16.35
C THR B 254 29.88 16.71 16.48
N ILE B 255 30.49 17.14 17.59
CA ILE B 255 31.86 16.73 17.91
CA ILE B 255 31.86 16.75 17.91
C ILE B 255 31.95 16.52 19.41
N SER B 256 32.94 15.74 19.82
CA SER B 256 33.20 15.50 21.24
C SER B 256 34.65 15.70 21.62
N VAL B 257 35.58 15.69 20.67
CA VAL B 257 36.96 15.95 21.02
CA VAL B 257 36.98 15.96 20.99
C VAL B 257 37.17 17.44 21.26
N ARG B 258 38.27 17.77 21.95
CA ARG B 258 38.66 19.16 22.23
C ARG B 258 37.53 19.95 22.86
N LYS B 259 36.95 19.37 23.91
CA LYS B 259 35.96 20.06 24.73
CA LYS B 259 35.92 20.14 24.60
C LYS B 259 36.46 21.45 25.19
N ASP B 260 37.79 21.59 25.37
CA ASP B 260 38.36 22.86 25.77
C ASP B 260 38.11 23.94 24.71
N LEU B 261 38.05 23.56 23.43
CA LEU B 261 37.78 24.52 22.39
C LEU B 261 36.30 24.59 22.04
N PHE B 262 35.61 23.45 22.17
CA PHE B 262 34.22 23.29 21.72
C PHE B 262 33.43 22.71 22.89
N PRO B 263 33.05 23.54 23.85
CA PRO B 263 32.41 23.00 25.08
C PRO B 263 31.12 22.25 24.78
N TRP B 264 30.87 21.19 25.54
CA TRP B 264 29.67 20.42 25.30
C TRP B 264 28.47 21.19 25.80
N SER B 265 27.37 21.12 25.06
CA SER B 265 26.21 21.92 25.44
C SER B 265 25.71 21.59 26.84
N PRO B 266 25.19 22.58 27.54
CA PRO B 266 24.51 22.29 28.81
C PRO B 266 23.43 21.24 28.60
N GLY B 267 23.34 20.30 29.55
CA GLY B 267 22.33 19.27 29.52
C GLY B 267 22.72 18.06 28.69
N SER B 268 23.94 18.03 28.14
CA SER B 268 24.40 16.89 27.34
C SER B 268 24.52 15.60 28.14
N GLU B 269 24.60 15.68 29.48
CA GLU B 269 24.94 14.53 30.29
C GLU B 269 23.79 13.54 30.46
N ILE B 270 22.59 13.85 29.97
CA ILE B 270 21.47 12.92 30.14
C ILE B 270 21.74 11.58 29.47
N SER B 271 22.18 11.61 28.20
CA SER B 271 22.34 10.39 27.43
C SER B 271 23.76 9.94 27.22
N THR B 272 24.75 10.77 27.52
CA THR B 272 26.12 10.37 27.29
C THR B 272 27.02 11.08 28.28
N ASP B 273 28.17 10.45 28.55
CA ASP B 273 29.21 11.12 29.33
C ASP B 273 30.32 11.67 28.43
N ARG B 274 30.15 11.61 27.12
CA ARG B 274 31.15 12.13 26.19
C ARG B 274 30.44 12.86 25.06
N GLY B 275 30.51 14.18 25.04
CA GLY B 275 29.85 14.96 24.02
C GLY B 275 28.73 15.78 24.61
N PHE B 276 28.13 16.67 23.80
CA PHE B 276 28.47 17.00 22.40
C PHE B 276 28.45 18.51 22.24
N HIS B 277 29.25 18.98 21.32
CA HIS B 277 29.15 20.33 20.78
C HIS B 277 28.53 20.20 19.38
N TYR B 278 27.67 21.14 19.01
CA TYR B 278 26.89 21.07 17.77
C TYR B 278 27.50 22.02 16.75
N CYS B 279 27.31 21.72 15.46
CA CYS B 279 27.89 22.58 14.45
C CYS B 279 27.08 22.56 13.17
N VAL B 280 26.91 23.73 12.55
CA VAL B 280 26.29 23.82 11.24
C VAL B 280 27.24 24.54 10.30
N GLN B 281 27.07 24.31 9.00
CA GLN B 281 28.00 24.83 7.97
C GLN B 281 27.27 24.72 6.64
N LYS B 282 27.23 25.80 5.86
CA LYS B 282 26.60 25.65 4.55
C LYS B 282 27.31 24.56 3.75
N ILE B 283 26.50 23.73 3.06
CA ILE B 283 27.12 22.67 2.26
C ILE B 283 28.05 23.24 1.20
N SER B 284 27.68 24.38 0.61
CA SER B 284 28.57 24.97 -0.39
C SER B 284 29.91 25.37 0.21
N ASN B 285 29.88 25.84 1.47
CA ASN B 285 31.12 26.16 2.17
C ASN B 285 31.93 24.89 2.46
N PHE B 286 31.26 23.84 2.95
CA PHE B 286 31.92 22.57 3.17
C PHE B 286 32.58 22.05 1.89
N GLN B 287 31.88 22.19 0.75
CA GLN B 287 32.47 21.78 -0.52
C GLN B 287 33.78 22.51 -0.79
N LYS B 288 33.84 23.81 -0.49
CA LYS B 288 35.10 24.54 -0.65
C LYS B 288 36.20 23.97 0.25
N TRP B 289 35.88 23.64 1.51
CA TRP B 289 36.87 23.01 2.38
C TRP B 289 37.36 21.69 1.79
N LEU B 290 36.45 20.87 1.25
CA LEU B 290 36.82 19.56 0.71
C LEU B 290 37.62 19.67 -0.57
N SER B 291 37.59 20.82 -1.25
CA SER B 291 38.42 21.07 -2.44
CA SER B 291 38.43 21.03 -2.43
C SER B 291 39.72 21.78 -2.12
N SER B 292 39.98 22.10 -0.85
CA SER B 292 41.12 22.96 -0.53
C SER B 292 42.46 22.24 -0.54
N GLY B 293 42.48 20.91 -0.58
CA GLY B 293 43.72 20.16 -0.61
C GLY B 293 44.56 20.25 0.65
N LYS B 294 43.96 20.54 1.78
CA LYS B 294 44.71 20.56 3.03
C LYS B 294 44.91 19.12 3.46
N PRO B 295 46.14 18.61 3.52
CA PRO B 295 46.33 17.19 3.82
C PRO B 295 45.88 16.88 5.24
N GLY B 296 45.15 15.78 5.37
CA GLY B 296 44.73 15.36 6.67
C GLY B 296 43.57 16.12 7.23
N LEU B 297 42.89 16.93 6.42
CA LEU B 297 41.76 17.70 6.91
C LEU B 297 40.72 16.80 7.56
N ARG B 298 40.19 17.26 8.70
CA ARG B 298 39.16 16.58 9.48
C ARG B 298 38.16 17.64 9.94
N SER B 299 36.98 17.20 10.40
CA SER B 299 35.97 18.16 10.86
C SER B 299 36.51 19.08 11.95
N LEU B 300 37.36 18.56 12.85
CA LEU B 300 37.92 19.42 13.91
C LEU B 300 38.66 20.62 13.32
N GLN B 301 39.49 20.38 12.30
CA GLN B 301 40.23 21.46 11.68
C GLN B 301 39.32 22.46 10.98
N VAL B 302 38.29 21.96 10.27
CA VAL B 302 37.33 22.87 9.63
C VAL B 302 36.72 23.80 10.69
N MET B 303 36.34 23.23 11.84
CA MET B 303 35.72 24.00 12.90
C MET B 303 36.70 24.98 13.54
N VAL B 304 37.93 24.56 13.82
CA VAL B 304 38.90 25.47 14.42
C VAL B 304 39.18 26.64 13.49
N GLU B 305 39.47 26.35 12.22
CA GLU B 305 39.87 27.41 11.31
C GLU B 305 38.68 28.23 10.83
N GLY B 306 37.53 27.60 10.62
CA GLY B 306 36.44 28.30 9.97
C GLY B 306 35.26 28.65 10.87
N GLY B 307 35.30 28.24 12.13
CA GLY B 307 34.13 28.34 13.00
C GLY B 307 34.07 29.52 13.95
N THR B 308 32.86 30.01 14.16
CA THR B 308 32.59 30.98 15.20
C THR B 308 31.81 30.26 16.29
N VAL B 309 32.39 30.20 17.49
CA VAL B 309 32.01 29.26 18.54
C VAL B 309 31.18 29.96 19.62
N ASP B 310 30.00 29.44 19.91
CA ASP B 310 29.20 29.83 21.09
C ASP B 310 29.56 28.84 22.18
N LYS B 311 30.38 29.29 23.13
CA LYS B 311 30.87 28.43 24.19
C LYS B 311 29.87 28.26 25.32
N LYS B 312 28.87 29.13 25.40
CA LYS B 312 27.85 29.03 26.43
C LYS B 312 26.89 27.91 26.12
N ASN B 313 26.36 27.89 24.90
CA ASN B 313 25.40 26.88 24.51
C ASN B 313 26.04 25.70 23.81
N GLY B 314 27.28 25.82 23.33
CA GLY B 314 27.95 24.72 22.68
C GLY B 314 27.55 24.51 21.24
N ILE B 315 27.56 25.56 20.44
CA ILE B 315 27.26 25.43 19.01
C ILE B 315 28.18 26.34 18.22
N THR B 316 28.65 25.84 17.07
CA THR B 316 29.55 26.54 16.19
C THR B 316 28.90 26.66 14.81
N VAL B 317 29.05 27.82 14.18
CA VAL B 317 28.73 28.00 12.77
C VAL B 317 30.04 28.13 12.01
N VAL B 318 30.27 27.27 11.02
CA VAL B 318 31.45 27.41 10.16
C VAL B 318 31.05 28.33 9.02
N ASP B 319 31.45 29.59 9.14
CA ASP B 319 31.03 30.67 8.28
C ASP B 319 32.18 31.24 7.47
N LYS B 320 33.38 30.67 7.59
CA LYS B 320 34.53 31.19 6.88
C LYS B 320 35.02 30.16 5.87
N GLU B 321 35.57 30.64 4.78
CA GLU B 321 36.14 29.80 3.75
C GLU B 321 37.56 29.40 4.11
N PRO B 322 38.08 28.31 3.52
CA PRO B 322 39.47 27.94 3.79
C PRO B 322 40.41 29.01 3.27
N VAL B 323 41.51 29.20 3.98
CA VAL B 323 42.56 30.13 3.55
C VAL B 323 43.71 29.32 2.98
N VAL B 324 44.15 29.70 1.78
CA VAL B 324 45.13 28.93 1.02
C VAL B 324 46.48 28.93 1.71
#